data_7DOZ
#
_entry.id   7DOZ
#
_cell.length_a   62.050
_cell.length_b   62.050
_cell.length_c   81.460
_cell.angle_alpha   90.000
_cell.angle_beta   90.000
_cell.angle_gamma   120.000
#
_symmetry.space_group_name_H-M   'P 61'
#
loop_
_entity.id
_entity.type
_entity.pdbx_description
1 polymer Protease
2 non-polymer '2-[2-HYDROXY-3-(3-HYDROXY-2-METHYL-BENZOYLAMINO)-4-PHENYL SULFANYL-BUTYL]-DECAHYDRO-ISOQUINOLINE-3-CARBOXYLIC ACID TERT-BUTYLAMIDE'
3 water water
#
_entity_poly.entity_id   1
_entity_poly.type   'polypeptide(L)'
_entity_poly.pdbx_seq_one_letter_code
;PQVTLWQRPLVTIKIGGQLKEALLDTGADNTVLEEMSLPGRWKPKMIGGIGGFIKVRQYDQILIEI(CSO)GHKAIGTVL
VGPTPVNIIGRNLLTQIGMTLNFGGSSGPQVTLWQRPLVTIKIGGQLKEALLDTGADNTVLEEMSLPGRWKPKMIGGIGG
FIKVRQYDQILIEI(CSO)GHKAIGTVLVGPTPVNIIGRNLLTQIGATLNF
;
_entity_poly.pdbx_strand_id   A
#
loop_
_chem_comp.id
_chem_comp.type
_chem_comp.name
_chem_comp.formula
1UN non-polymer '2-[2-HYDROXY-3-(3-HYDROXY-2-METHYL-BENZOYLAMINO)-4-PHENYL SULFANYL-BUTYL]-DECAHYDRO-ISOQUINOLINE-3-CARBOXYLIC ACID TERT-BUTYLAMIDE' 'C32 H45 N3 O4 S'
#
# COMPACT_ATOMS: atom_id res chain seq x y z
N PRO A 1 -2.72 -16.08 -11.38
CA PRO A 1 -2.70 -14.68 -11.78
C PRO A 1 -1.47 -13.93 -11.29
N GLN A 2 -0.58 -13.60 -12.23
CA GLN A 2 0.49 -12.66 -11.97
C GLN A 2 -0.02 -11.27 -12.32
N VAL A 3 0.30 -10.29 -11.48
CA VAL A 3 -0.24 -8.95 -11.61
C VAL A 3 0.93 -7.97 -11.71
N THR A 4 1.04 -7.28 -12.84
CA THR A 4 1.94 -6.15 -12.98
C THR A 4 1.32 -4.92 -12.34
N LEU A 5 2.05 -3.80 -12.32
CA LEU A 5 1.64 -2.66 -11.49
C LEU A 5 1.55 -1.36 -12.27
N TRP A 6 1.39 -1.42 -13.60
CA TRP A 6 1.23 -0.20 -14.37
C TRP A 6 -0.10 0.49 -14.07
N GLN A 7 -1.10 -0.28 -13.63
CA GLN A 7 -2.37 0.22 -13.14
C GLN A 7 -2.54 -0.27 -11.71
N ARG A 8 -3.50 0.31 -11.00
CA ARG A 8 -3.80 -0.15 -9.64
C ARG A 8 -4.18 -1.63 -9.66
N PRO A 9 -3.66 -2.43 -8.73
CA PRO A 9 -3.98 -3.87 -8.70
C PRO A 9 -5.31 -4.10 -7.98
N LEU A 10 -6.39 -3.95 -8.77
CA LEU A 10 -7.75 -4.09 -8.26
C LEU A 10 -8.25 -5.51 -8.51
N VAL A 11 -8.98 -6.06 -7.52
CA VAL A 11 -9.61 -7.36 -7.66
C VAL A 11 -11.07 -7.23 -7.27
N THR A 12 -11.87 -8.20 -7.70
CA THR A 12 -13.24 -8.34 -7.24
C THR A 12 -13.22 -9.17 -5.97
N ILE A 13 -13.94 -8.74 -4.96
CA ILE A 13 -14.05 -9.51 -3.72
C ILE A 13 -15.51 -9.72 -3.45
N LYS A 14 -15.82 -10.85 -2.79
CA LYS A 14 -17.16 -11.13 -2.30
C LYS A 14 -17.07 -11.24 -0.78
N ILE A 15 -17.82 -10.41 -0.09
CA ILE A 15 -17.77 -10.33 1.37
C ILE A 15 -19.16 -10.03 1.86
N GLY A 16 -19.61 -10.80 2.85
CA GLY A 16 -20.94 -10.58 3.42
C GLY A 16 -22.05 -10.59 2.40
N GLY A 17 -21.97 -11.48 1.40
CA GLY A 17 -22.95 -11.58 0.35
C GLY A 17 -22.87 -10.51 -0.73
N GLN A 18 -21.96 -9.57 -0.61
CA GLN A 18 -21.87 -8.42 -1.50
C GLN A 18 -20.61 -8.48 -2.35
N LEU A 19 -20.67 -7.89 -3.55
CA LEU A 19 -19.55 -7.80 -4.46
C LEU A 19 -18.94 -6.41 -4.38
N LYS A 20 -17.62 -6.35 -4.26
CA LYS A 20 -16.91 -5.08 -4.19
C LYS A 20 -15.59 -5.21 -4.96
N GLU A 21 -15.07 -4.07 -5.36
CA GLU A 21 -13.72 -4.01 -5.90
C GLU A 21 -12.78 -3.53 -4.81
N ALA A 22 -11.57 -4.12 -4.76
CA ALA A 22 -10.63 -3.78 -3.71
C ALA A 22 -9.22 -3.73 -4.27
N LEU A 23 -8.36 -3.01 -3.54
CA LEU A 23 -6.98 -2.77 -3.93
C LEU A 23 -6.07 -3.75 -3.19
N LEU A 24 -5.27 -4.54 -3.94
CA LEU A 24 -4.26 -5.38 -3.29
C LEU A 24 -3.12 -4.49 -2.84
N ASP A 25 -2.92 -4.38 -1.53
CA ASP A 25 -2.09 -3.32 -0.96
C ASP A 25 -0.99 -3.88 -0.06
N THR A 26 0.20 -4.14 -0.63
CA THR A 26 1.28 -4.68 0.19
C THR A 26 1.75 -3.71 1.25
N GLY A 27 1.40 -2.43 1.12
CA GLY A 27 1.73 -1.41 2.09
C GLY A 27 0.79 -1.33 3.28
N ALA A 28 -0.30 -2.10 3.30
CA ALA A 28 -1.25 -2.05 4.39
C ALA A 28 -1.13 -3.31 5.24
N ASP A 29 -0.99 -3.11 6.56
CA ASP A 29 -0.98 -4.25 7.46
C ASP A 29 -2.36 -4.89 7.57
N ASN A 30 -3.41 -4.08 7.47
CA ASN A 30 -4.77 -4.49 7.72
C ASN A 30 -5.62 -4.35 6.46
N THR A 31 -6.81 -4.89 6.52
CA THR A 31 -7.79 -4.85 5.44
C THR A 31 -8.89 -3.89 5.85
N VAL A 32 -9.12 -2.85 5.06
CA VAL A 32 -10.06 -1.80 5.42
C VAL A 32 -11.06 -1.63 4.29
N LEU A 33 -12.34 -1.78 4.60
CA LEU A 33 -13.38 -1.61 3.61
C LEU A 33 -14.21 -0.37 3.89
N GLU A 34 -14.67 0.26 2.81
CA GLU A 34 -15.60 1.38 2.92
C GLU A 34 -16.84 0.92 3.67
N GLU A 35 -17.56 1.88 4.24
CA GLU A 35 -18.77 1.57 5.01
C GLU A 35 -19.66 0.60 4.25
N MET A 36 -20.02 -0.49 4.93
CA MET A 36 -20.79 -1.56 4.32
C MET A 36 -21.47 -2.32 5.44
N SER A 37 -22.49 -3.09 5.05
CA SER A 37 -23.24 -3.92 5.97
C SER A 37 -22.42 -5.19 6.27
N LEU A 38 -22.00 -5.35 7.52
CA LEU A 38 -21.40 -6.61 7.95
C LEU A 38 -22.12 -7.10 9.19
N PRO A 39 -22.38 -8.40 9.29
CA PRO A 39 -23.13 -8.93 10.43
C PRO A 39 -22.23 -9.35 11.57
N GLY A 40 -22.73 -9.18 12.79
CA GLY A 40 -22.09 -9.73 13.96
C GLY A 40 -21.50 -8.68 14.87
N ARG A 41 -20.72 -9.17 15.83
CA ARG A 41 -20.00 -8.34 16.80
C ARG A 41 -18.89 -7.53 16.12
N TRP A 42 -18.50 -6.43 16.79
CA TRP A 42 -17.36 -5.64 16.33
C TRP A 42 -16.81 -4.86 17.51
N LYS A 43 -15.57 -4.39 17.35
CA LYS A 43 -14.87 -3.60 18.36
C LYS A 43 -14.33 -2.32 17.73
N PRO A 44 -14.37 -1.21 18.46
CA PRO A 44 -13.84 0.04 17.91
C PRO A 44 -12.31 0.00 17.82
N LYS A 45 -11.79 0.54 16.73
CA LYS A 45 -10.35 0.59 16.54
C LYS A 45 -10.00 1.89 15.86
N MET A 46 -8.71 2.23 15.89
CA MET A 46 -8.18 3.44 15.31
C MET A 46 -7.01 3.03 14.44
N ILE A 47 -6.96 3.50 13.20
CA ILE A 47 -5.86 3.15 12.31
C ILE A 47 -5.34 4.40 11.61
N GLY A 48 -4.02 4.47 11.50
CA GLY A 48 -3.35 5.62 10.93
C GLY A 48 -2.85 5.31 9.53
N GLY A 49 -2.87 6.32 8.67
CA GLY A 49 -2.26 6.21 7.37
C GLY A 49 -1.42 7.45 7.13
N ILE A 50 -1.05 7.73 5.88
CA ILE A 50 -0.49 9.03 5.55
C ILE A 50 -1.61 10.05 5.67
N GLY A 51 -1.41 11.03 6.53
CA GLY A 51 -2.38 12.10 6.69
C GLY A 51 -3.14 12.07 8.00
N GLY A 52 -3.05 11.00 8.76
CA GLY A 52 -3.70 10.96 10.04
C GLY A 52 -4.44 9.68 10.28
N PHE A 53 -5.52 9.74 11.04
CA PHE A 53 -6.19 8.53 11.52
C PHE A 53 -7.68 8.57 11.21
N ILE A 54 -8.28 7.38 11.13
CA ILE A 54 -9.72 7.21 11.00
C ILE A 54 -10.17 6.16 12.01
N LYS A 55 -11.41 6.31 12.47
CA LYS A 55 -12.05 5.32 13.33
C LYS A 55 -12.75 4.27 12.47
N VAL A 56 -12.60 3.01 12.86
CA VAL A 56 -13.11 1.90 12.09
C VAL A 56 -13.78 0.90 13.02
N ARG A 57 -14.74 0.16 12.48
CA ARG A 57 -15.29 -0.99 13.19
C ARG A 57 -14.49 -2.21 12.80
N GLN A 58 -14.01 -2.95 13.80
CA GLN A 58 -13.21 -4.15 13.57
C GLN A 58 -14.08 -5.40 13.68
N TYR A 59 -14.05 -6.24 12.64
CA TYR A 59 -14.80 -7.49 12.58
C TYR A 59 -13.81 -8.64 12.44
N ASP A 60 -13.89 -9.62 13.32
CA ASP A 60 -12.96 -10.74 13.27
C ASP A 60 -13.57 -11.94 12.55
N GLN A 61 -12.68 -12.81 12.05
CA GLN A 61 -13.07 -14.07 11.45
C GLN A 61 -14.14 -13.88 10.37
N ILE A 62 -13.90 -12.90 9.50
CA ILE A 62 -14.81 -12.63 8.38
C ILE A 62 -14.33 -13.39 7.15
N LEU A 63 -15.24 -14.11 6.51
CA LEU A 63 -14.93 -14.77 5.25
C LEU A 63 -14.93 -13.76 4.11
N ILE A 64 -13.88 -13.78 3.31
CA ILE A 64 -13.80 -12.95 2.12
C ILE A 64 -13.26 -13.78 0.97
N GLU A 65 -13.87 -13.64 -0.20
CA GLU A 65 -13.39 -14.36 -1.38
C GLU A 65 -12.74 -13.33 -2.29
N ILE A 66 -11.41 -13.36 -2.35
CA ILE A 66 -10.61 -12.38 -3.07
C ILE A 66 -10.15 -12.98 -4.38
N CSO A 67 -10.64 -12.43 -5.49
CA CSO A 67 -10.31 -12.92 -6.82
CB CSO A 67 -8.89 -12.48 -7.21
SG CSO A 67 -8.70 -12.49 -9.02
C CSO A 67 -10.46 -14.46 -6.88
O CSO A 67 -9.63 -15.14 -7.48
OD CSO A 67 -9.75 -11.22 -9.73
N GLY A 68 -11.50 -14.99 -6.22
CA GLY A 68 -11.81 -16.41 -6.33
C GLY A 68 -11.01 -17.32 -5.40
N HIS A 69 -10.32 -16.70 -4.45
CA HIS A 69 -9.60 -17.41 -3.40
C HIS A 69 -10.18 -16.99 -2.07
N LYS A 70 -10.49 -17.97 -1.22
CA LYS A 70 -11.15 -17.71 0.04
C LYS A 70 -10.13 -17.45 1.15
N ALA A 71 -10.44 -16.48 2.02
CA ALA A 71 -9.66 -16.19 3.22
C ALA A 71 -10.62 -15.83 4.36
N ILE A 72 -10.19 -16.09 5.58
CA ILE A 72 -10.92 -15.68 6.78
C ILE A 72 -9.99 -14.84 7.62
N GLY A 73 -10.46 -13.69 8.07
CA GLY A 73 -9.61 -12.84 8.86
C GLY A 73 -10.34 -11.60 9.31
N THR A 74 -9.58 -10.71 9.92
CA THR A 74 -10.10 -9.46 10.45
C THR A 74 -10.32 -8.46 9.33
N VAL A 75 -11.50 -7.87 9.30
CA VAL A 75 -11.83 -6.81 8.36
C VAL A 75 -12.16 -5.56 9.17
N LEU A 76 -11.64 -4.42 8.73
CA LEU A 76 -11.97 -3.13 9.34
C LEU A 76 -12.91 -2.37 8.42
N VAL A 77 -13.94 -1.76 8.98
CA VAL A 77 -14.92 -1.03 8.18
C VAL A 77 -14.93 0.42 8.64
N GLY A 78 -14.72 1.34 7.73
CA GLY A 78 -14.72 2.74 8.08
C GLY A 78 -14.56 3.67 6.90
N PRO A 79 -14.28 4.96 7.18
CA PRO A 79 -14.27 6.01 6.14
C PRO A 79 -13.02 5.97 5.27
N THR A 80 -12.78 4.78 4.68
CA THR A 80 -11.70 4.74 3.70
C THR A 80 -12.27 5.00 2.30
N PRO A 81 -11.56 5.72 1.43
CA PRO A 81 -12.11 6.03 0.11
C PRO A 81 -11.85 4.94 -0.92
N VAL A 82 -11.02 3.96 -0.59
CA VAL A 82 -10.78 2.79 -1.41
C VAL A 82 -10.83 1.56 -0.52
N ASN A 83 -11.49 0.51 -0.99
CA ASN A 83 -11.42 -0.77 -0.30
C ASN A 83 -10.01 -1.32 -0.47
N ILE A 84 -9.36 -1.71 0.61
CA ILE A 84 -7.99 -2.19 0.45
C ILE A 84 -7.81 -3.54 1.13
N ILE A 85 -7.20 -4.49 0.43
CA ILE A 85 -6.87 -5.79 0.97
C ILE A 85 -5.43 -5.73 1.44
N GLY A 86 -5.23 -5.88 2.76
CA GLY A 86 -3.92 -5.73 3.37
C GLY A 86 -3.27 -7.09 3.60
N ARG A 87 -2.05 -7.05 4.17
CA ARG A 87 -1.24 -8.27 4.23
C ARG A 87 -1.89 -9.37 5.06
N ASN A 88 -2.69 -9.02 6.07
CA ASN A 88 -3.34 -10.04 6.89
C ASN A 88 -4.15 -11.00 6.04
N LEU A 89 -4.68 -10.53 4.90
CA LEU A 89 -5.42 -11.37 3.99
C LEU A 89 -4.62 -11.77 2.76
N LEU A 90 -3.69 -10.93 2.31
CA LEU A 90 -2.87 -11.29 1.16
C LEU A 90 -2.09 -12.57 1.41
N THR A 91 -1.53 -12.71 2.62
CA THR A 91 -0.80 -13.94 2.93
C THR A 91 -1.70 -15.16 2.80
N GLN A 92 -2.99 -15.00 3.14
CA GLN A 92 -3.89 -16.15 3.12
C GLN A 92 -4.14 -16.65 1.70
N ILE A 93 -4.00 -15.79 0.70
CA ILE A 93 -4.21 -16.20 -0.68
C ILE A 93 -2.87 -16.43 -1.38
N GLY A 94 -1.79 -16.60 -0.63
CA GLY A 94 -0.49 -16.91 -1.20
C GLY A 94 0.07 -15.82 -2.09
N MET A 95 -0.14 -14.57 -1.71
CA MET A 95 0.28 -13.44 -2.54
C MET A 95 1.78 -13.20 -2.40
N THR A 96 2.49 -13.05 -3.53
CA THR A 96 3.92 -12.72 -3.45
C THR A 96 4.25 -11.49 -4.29
N LEU A 97 5.31 -10.79 -3.87
CA LEU A 97 5.90 -9.71 -4.62
C LEU A 97 7.15 -10.23 -5.33
N ASN A 98 7.23 -10.02 -6.65
CA ASN A 98 8.30 -10.59 -7.47
C ASN A 98 9.02 -9.50 -8.23
N PHE A 99 10.35 -9.51 -8.18
CA PHE A 99 11.16 -8.63 -9.02
C PHE A 99 12.62 -9.07 -9.04
N PRO A 105 14.42 -11.43 -6.83
CA PRO A 105 13.90 -12.00 -5.58
C PRO A 105 12.39 -12.12 -5.57
N GLN A 106 11.89 -13.16 -4.91
CA GLN A 106 10.49 -13.25 -4.57
C GLN A 106 10.32 -12.84 -3.11
N VAL A 107 9.18 -12.24 -2.82
CA VAL A 107 8.92 -11.69 -1.50
C VAL A 107 7.54 -12.18 -1.06
N THR A 108 7.49 -12.97 0.00
CA THR A 108 6.21 -13.26 0.62
C THR A 108 5.81 -12.06 1.47
N LEU A 109 4.65 -12.15 2.13
CA LEU A 109 4.09 -10.94 2.73
C LEU A 109 3.72 -11.15 4.19
N TRP A 110 4.37 -12.12 4.85
CA TRP A 110 4.08 -12.34 6.26
C TRP A 110 4.65 -11.22 7.11
N GLN A 111 5.70 -10.57 6.62
CA GLN A 111 6.26 -9.38 7.21
C GLN A 111 6.12 -8.25 6.20
N ARG A 112 6.28 -7.01 6.68
CA ARG A 112 6.30 -5.87 5.76
C ARG A 112 7.38 -6.06 4.72
N PRO A 113 7.10 -5.84 3.43
CA PRO A 113 8.13 -5.97 2.41
C PRO A 113 9.03 -4.74 2.37
N LEU A 114 10.04 -4.74 3.22
CA LEU A 114 10.99 -3.63 3.32
C LEU A 114 12.21 -3.91 2.45
N VAL A 115 12.75 -2.85 1.84
CA VAL A 115 13.97 -2.96 1.05
C VAL A 115 14.88 -1.82 1.42
N THR A 116 16.16 -2.00 1.13
CA THR A 116 17.10 -0.91 1.27
C THR A 116 17.13 -0.13 -0.04
N ILE A 117 17.15 1.19 0.07
CA ILE A 117 17.23 2.02 -1.12
C ILE A 117 18.43 2.92 -0.96
N LYS A 118 18.94 3.40 -2.08
CA LYS A 118 19.96 4.44 -2.05
C LYS A 118 19.44 5.59 -2.90
N ILE A 119 19.43 6.79 -2.33
CA ILE A 119 18.84 7.94 -2.99
C ILE A 119 19.52 9.18 -2.47
N GLY A 120 19.83 10.10 -3.37
CA GLY A 120 20.58 11.29 -2.98
C GLY A 120 21.81 11.00 -2.15
N GLY A 121 22.53 9.92 -2.49
CA GLY A 121 23.73 9.52 -1.76
C GLY A 121 23.49 8.87 -0.41
N GLN A 122 22.25 8.75 0.02
CA GLN A 122 21.91 8.27 1.36
C GLN A 122 21.25 6.89 1.28
N LEU A 123 21.40 6.11 2.35
CA LEU A 123 20.79 4.79 2.43
C LEU A 123 19.57 4.84 3.33
N LYS A 124 18.47 4.27 2.87
CA LYS A 124 17.23 4.30 3.62
C LYS A 124 16.53 2.96 3.49
N GLU A 125 15.65 2.68 4.43
CA GLU A 125 14.75 1.54 4.32
C GLU A 125 13.40 2.03 3.82
N ALA A 126 12.76 1.25 2.95
CA ALA A 126 11.50 1.69 2.37
C ALA A 126 10.58 0.50 2.14
N LEU A 127 9.28 0.81 2.11
CA LEU A 127 8.23 -0.19 1.98
C LEU A 127 7.79 -0.33 0.52
N LEU A 128 7.81 -1.57 0.01
CA LEU A 128 7.26 -1.83 -1.33
C LEU A 128 5.76 -1.84 -1.22
N ASP A 129 5.10 -0.87 -1.87
CA ASP A 129 3.70 -0.55 -1.54
C ASP A 129 2.87 -0.54 -2.82
N THR A 130 2.26 -1.67 -3.15
CA THR A 130 1.42 -1.76 -4.34
C THR A 130 0.17 -0.91 -4.24
N GLY A 131 -0.19 -0.49 -3.05
CA GLY A 131 -1.34 0.38 -2.87
C GLY A 131 -1.07 1.85 -3.07
N ALA A 132 0.18 2.26 -3.28
CA ALA A 132 0.53 3.67 -3.41
C ALA A 132 0.85 4.00 -4.86
N ASP A 133 0.17 5.01 -5.40
CA ASP A 133 0.46 5.46 -6.75
C ASP A 133 1.84 6.10 -6.82
N ASN A 134 2.26 6.75 -5.75
CA ASN A 134 3.44 7.61 -5.72
C ASN A 134 4.47 7.09 -4.73
N THR A 135 5.68 7.62 -4.82
CA THR A 135 6.75 7.31 -3.90
C THR A 135 6.92 8.49 -2.95
N VAL A 136 6.78 8.23 -1.65
CA VAL A 136 6.84 9.28 -0.64
C VAL A 136 7.91 8.90 0.37
N LEU A 137 8.85 9.80 0.59
CA LEU A 137 9.95 9.57 1.52
C LEU A 137 9.89 10.58 2.66
N GLU A 138 10.24 10.12 3.87
CA GLU A 138 10.32 11.00 5.01
C GLU A 138 11.27 12.15 4.74
N GLU A 139 11.20 13.17 5.60
CA GLU A 139 12.04 14.34 5.42
C GLU A 139 13.48 13.91 5.19
N MET A 140 14.06 14.41 4.12
CA MET A 140 15.43 14.07 3.77
C MET A 140 15.97 15.17 2.86
N SER A 141 17.30 15.27 2.85
CA SER A 141 17.99 16.24 2.01
C SER A 141 18.09 15.70 0.59
N LEU A 142 17.41 16.33 -0.36
CA LEU A 142 17.58 16.01 -1.77
C LEU A 142 18.09 17.25 -2.50
N PRO A 143 18.76 17.06 -3.64
CA PRO A 143 19.26 18.23 -4.38
C PRO A 143 18.33 18.60 -5.53
N GLY A 144 18.27 19.88 -5.88
CA GLY A 144 17.51 20.35 -7.02
C GLY A 144 16.27 21.11 -6.60
N ARG A 145 15.51 21.52 -7.61
CA ARG A 145 14.24 22.19 -7.42
C ARG A 145 13.15 21.18 -7.07
N TRP A 146 12.02 21.70 -6.59
CA TRP A 146 10.85 20.89 -6.28
C TRP A 146 9.62 21.71 -6.60
N LYS A 147 8.44 21.09 -6.45
CA LYS A 147 7.18 21.75 -6.73
C LYS A 147 6.19 21.43 -5.61
N PRO A 148 5.54 22.42 -5.04
CA PRO A 148 4.57 22.19 -3.96
C PRO A 148 3.46 21.24 -4.40
N LYS A 149 3.23 20.20 -3.61
CA LYS A 149 2.23 19.19 -3.91
C LYS A 149 1.53 18.74 -2.64
N MET A 150 0.42 18.02 -2.82
CA MET A 150 -0.42 17.60 -1.72
C MET A 150 -0.95 16.21 -2.04
N ILE A 151 -0.77 15.25 -1.12
CA ILE A 151 -1.18 13.87 -1.36
C ILE A 151 -2.09 13.42 -0.24
N GLY A 152 -3.06 12.60 -0.61
CA GLY A 152 -4.09 12.11 0.31
C GLY A 152 -3.83 10.66 0.66
N GLY A 153 -3.94 10.36 1.95
CA GLY A 153 -3.88 8.98 2.38
C GLY A 153 -5.16 8.58 3.07
N ILE A 154 -5.12 7.50 3.87
CA ILE A 154 -6.32 7.10 4.58
C ILE A 154 -6.68 8.12 5.66
N GLY A 155 -5.69 8.83 6.21
CA GLY A 155 -6.04 9.75 7.27
C GLY A 155 -6.41 11.15 6.85
N GLY A 156 -6.34 11.44 5.56
CA GLY A 156 -6.40 12.82 5.11
C GLY A 156 -5.21 13.12 4.23
N PHE A 157 -4.67 14.33 4.33
CA PHE A 157 -3.68 14.83 3.38
C PHE A 157 -2.43 15.34 4.08
N ILE A 158 -1.29 15.26 3.39
CA ILE A 158 -0.05 15.87 3.84
C ILE A 158 0.52 16.74 2.73
N LYS A 159 1.29 17.76 3.14
CA LYS A 159 2.05 18.57 2.21
C LYS A 159 3.37 17.88 1.90
N VAL A 160 3.72 17.78 0.63
CA VAL A 160 4.99 17.18 0.23
C VAL A 160 5.68 18.08 -0.77
N ARG A 161 6.99 17.88 -0.91
CA ARG A 161 7.78 18.52 -1.95
C ARG A 161 7.99 17.51 -3.07
N GLN A 162 7.67 17.90 -4.29
CA GLN A 162 7.73 16.98 -5.41
C GLN A 162 9.03 17.19 -6.19
N TYR A 163 9.85 16.14 -6.25
CA TYR A 163 11.13 16.14 -6.97
C TYR A 163 11.01 15.20 -8.16
N ASP A 164 11.38 15.68 -9.33
CA ASP A 164 11.19 14.90 -10.55
C ASP A 164 12.51 14.34 -11.04
N GLN A 165 12.42 13.22 -11.76
CA GLN A 165 13.56 12.53 -12.36
C GLN A 165 14.70 12.34 -11.36
N ILE A 166 14.37 11.68 -10.25
CA ILE A 166 15.33 11.35 -9.19
C ILE A 166 15.77 9.90 -9.36
N LEU A 167 17.07 9.67 -9.23
CA LEU A 167 17.62 8.32 -9.29
C LEU A 167 17.52 7.61 -7.95
N ILE A 168 16.92 6.42 -7.95
CA ILE A 168 16.86 5.57 -6.76
C ILE A 168 17.37 4.18 -7.11
N GLU A 169 18.13 3.59 -6.21
CA GLU A 169 18.54 2.20 -6.35
C GLU A 169 17.76 1.41 -5.30
N ILE A 170 16.74 0.68 -5.76
CA ILE A 170 15.85 -0.09 -4.90
C ILE A 170 16.28 -1.53 -4.98
N CSO A 171 16.78 -2.05 -3.88
CA CSO A 171 17.26 -3.42 -3.79
CB CSO A 171 16.07 -4.39 -3.72
SG CSO A 171 16.61 -6.00 -3.05
C CSO A 171 18.17 -3.72 -4.99
O CSO A 171 18.03 -4.75 -5.64
OD CSO A 171 16.95 -5.85 -1.30
N GLY A 172 19.07 -2.79 -5.28
CA GLY A 172 20.10 -3.03 -6.28
C GLY A 172 19.61 -3.00 -7.72
N HIS A 173 18.43 -2.42 -7.91
CA HIS A 173 17.89 -2.16 -9.23
C HIS A 173 17.68 -0.66 -9.34
N LYS A 174 18.15 -0.06 -10.44
CA LYS A 174 18.08 1.38 -10.61
C LYS A 174 16.77 1.80 -11.27
N ALA A 175 16.19 2.89 -10.77
CA ALA A 175 15.03 3.51 -11.39
C ALA A 175 15.15 5.03 -11.30
N ILE A 176 14.53 5.73 -12.23
CA ILE A 176 14.50 7.19 -12.23
C ILE A 176 13.05 7.62 -12.28
N GLY A 177 12.66 8.52 -11.39
CA GLY A 177 11.27 8.91 -11.37
C GLY A 177 11.01 10.03 -10.39
N THR A 178 9.73 10.33 -10.22
CA THR A 178 9.30 11.34 -9.28
C THR A 178 9.31 10.79 -7.85
N VAL A 179 9.90 11.54 -6.94
CA VAL A 179 9.87 11.22 -5.52
C VAL A 179 9.25 12.40 -4.79
N LEU A 180 8.33 12.11 -3.87
CA LEU A 180 7.73 13.09 -3.00
C LEU A 180 8.41 13.02 -1.64
N VAL A 181 8.64 14.19 -1.03
CA VAL A 181 9.28 14.27 0.27
C VAL A 181 8.34 15.00 1.23
N GLY A 182 8.09 14.39 2.38
CA GLY A 182 7.18 14.98 3.32
C GLY A 182 7.02 14.21 4.60
N PRO A 183 6.08 14.63 5.45
CA PRO A 183 5.90 14.03 6.78
C PRO A 183 5.16 12.70 6.71
N THR A 184 5.76 11.72 6.03
CA THR A 184 5.25 10.36 6.10
C THR A 184 5.99 9.59 7.19
N PRO A 185 5.30 8.73 7.95
CA PRO A 185 6.00 7.97 9.00
C PRO A 185 6.83 6.81 8.47
N VAL A 186 6.65 6.43 7.21
CA VAL A 186 7.42 5.36 6.60
C VAL A 186 7.78 5.79 5.18
N ASN A 187 8.97 5.45 4.74
CA ASN A 187 9.36 5.62 3.35
C ASN A 187 8.60 4.62 2.46
N ILE A 188 7.93 5.12 1.42
CA ILE A 188 7.03 4.34 0.57
C ILE A 188 7.58 4.31 -0.86
N ILE A 189 7.82 3.12 -1.40
CA ILE A 189 8.08 2.95 -2.83
C ILE A 189 6.77 2.58 -3.50
N GLY A 190 6.27 3.48 -4.34
CA GLY A 190 4.97 3.30 -4.96
C GLY A 190 5.08 2.82 -6.40
N ARG A 191 3.93 2.69 -7.04
CA ARG A 191 3.89 1.99 -8.33
C ARG A 191 4.70 2.71 -9.41
N ASN A 192 4.77 4.04 -9.36
CA ASN A 192 5.57 4.78 -10.34
C ASN A 192 7.00 4.25 -10.42
N LEU A 193 7.54 3.74 -9.31
CA LEU A 193 8.87 3.14 -9.31
C LEU A 193 8.85 1.63 -9.31
N LEU A 194 7.84 1.01 -8.70
CA LEU A 194 7.78 -0.45 -8.70
C LEU A 194 7.80 -1.02 -10.11
N THR A 195 7.10 -0.36 -11.04
CA THR A 195 7.06 -0.87 -12.41
C THR A 195 8.46 -0.92 -13.02
N GLN A 196 9.31 0.06 -12.68
CA GLN A 196 10.62 0.13 -13.33
C GLN A 196 11.56 -0.96 -12.85
N ILE A 197 11.36 -1.48 -11.65
CA ILE A 197 12.18 -2.57 -11.17
C ILE A 197 11.52 -3.92 -11.44
N GLY A 198 10.50 -3.94 -12.30
CA GLY A 198 9.81 -5.16 -12.69
C GLY A 198 9.03 -5.88 -11.60
N ALA A 199 8.40 -5.13 -10.69
CA ALA A 199 7.71 -5.77 -9.58
C ALA A 199 6.39 -6.35 -10.07
N THR A 200 6.11 -7.59 -9.70
CA THR A 200 4.80 -8.16 -9.99
C THR A 200 4.17 -8.71 -8.72
N LEU A 201 2.85 -8.70 -8.70
CA LEU A 201 2.05 -9.34 -7.66
C LEU A 201 1.62 -10.70 -8.18
N ASN A 202 1.94 -11.77 -7.45
CA ASN A 202 1.61 -13.12 -7.88
C ASN A 202 0.83 -13.85 -6.79
N PHE A 203 -0.23 -14.55 -7.19
CA PHE A 203 -1.01 -15.38 -6.26
C PHE A 203 -1.80 -16.44 -7.00
C1 1UN B . 1.97 3.44 4.89
C2 1UN B . 1.56 2.86 6.24
C3 1UN B . 2.04 3.74 7.46
C4 1UN B . 1.48 5.17 7.34
C5 1UN B . 2.02 5.73 6.03
C6 1UN B . 1.53 4.93 4.78
N7 1UN B . -0.20 2.59 3.84
C8 1UN B . -0.60 2.02 5.17
C9 1UN B . 0.05 2.74 6.38
C10 1UN B . 1.31 2.67 3.69
C11 1UN B . -2.08 2.16 5.36
N12 1UN B . -2.76 1.04 6.04
C13 1UN B . -4.18 1.05 6.31
C14 1UN B . -4.95 1.11 4.96
C15 1UN B . -4.58 2.28 7.20
C16 1UN B . -4.54 -0.27 7.07
O17 1UN B . -2.64 3.14 5.00
C18 1UN B . -0.76 1.72 2.77
C19 1UN B . -0.80 2.51 1.40
C20 1UN B . -2.00 3.46 1.35
O21 1UN B . -0.86 1.65 0.34
N22 1UN B . -1.88 4.23 0.12
C23 1UN B . -3.32 2.70 1.30
C24 1UN B . -1.53 5.66 0.17
O25 1UN B . -1.37 6.22 1.22
C29 1UN B . -1.43 6.42 -1.19
C30 1UN B . -2.53 6.38 -2.05
C31 1UN B . -2.47 7.04 -3.28
C32 1UN B . -1.32 7.71 -3.64
C33 1UN B . -0.22 7.74 -2.78
C34 1UN B . -0.27 7.09 -1.55
O38 1UN B . 0.94 8.42 -3.13
C39 1UN B . 0.95 7.13 -0.62
S74 1UN B . -4.74 3.79 1.66
C77 1UN B . -5.28 4.57 0.07
C78 1UN B . -5.89 5.81 0.07
C79 1UN B . -6.29 6.39 -1.14
C80 1UN B . -6.09 5.71 -2.34
C81 1UN B . -5.49 4.45 -2.34
C82 1UN B . -5.08 3.88 -1.13
C1 1UN C . -5.11 3.81 0.06
C2 1UN C . -5.06 5.03 -0.83
C3 1UN C . -6.37 5.91 -0.70
C4 1UN C . -6.61 6.33 0.76
C5 1UN C . -6.70 5.08 1.65
C6 1UN C . -5.43 4.22 1.54
N7 1UN C . -2.61 3.93 0.41
C8 1UN C . -2.55 5.12 -0.50
C9 1UN C . -3.87 5.92 -0.51
C10 1UN C . -3.77 3.01 0.08
C11 1UN C . -1.44 6.02 -0.03
N12 1UN C . -0.62 6.69 -1.06
C13 1UN C . 0.48 7.57 -0.74
C14 1UN C . 1.59 6.69 -0.08
C15 1UN C . 0.00 8.76 0.20
C16 1UN C . 1.04 8.17 -2.08
O17 1UN C . -1.28 6.18 1.13
C18 1UN C . -1.34 3.16 0.33
C19 1UN C . -1.28 2.31 1.65
C20 1UN C . -0.78 3.16 2.81
O21 1UN C . -0.50 1.19 1.49
N22 1UN C . -0.92 2.32 3.98
C23 1UN C . 0.70 3.49 2.64
C24 1UN C . -1.94 2.61 5.01
O25 1UN C . -2.67 3.55 4.92
C29 1UN C . -1.97 1.61 6.21
C30 1UN C . -0.82 1.48 7.00
C31 1UN C . -0.82 0.60 8.08
C32 1UN C . -1.96 -0.16 8.35
C33 1UN C . -3.09 -0.03 7.55
C34 1UN C . -3.09 0.85 6.47
O38 1UN C . -4.23 -0.80 7.80
C39 1UN C . -4.33 1.00 5.58
S74 1UN C . 1.18 4.78 3.87
C77 1UN C . 1.71 3.98 5.47
C78 1UN C . 1.57 4.70 6.65
C79 1UN C . 1.96 4.12 7.85
C80 1UN C . 2.49 2.83 7.86
C81 1UN C . 2.64 2.12 6.67
C82 1UN C . 2.25 2.70 5.46
#